data_8EJV
#
_entry.id   8EJV
#
_cell.length_a   148.822
_cell.length_b   148.822
_cell.length_c   56.650
_cell.angle_alpha   90.000
_cell.angle_beta   90.000
_cell.angle_gamma   120.000
#
_symmetry.space_group_name_H-M   'P 62'
#
loop_
_entity.id
_entity.type
_entity.pdbx_description
1 polymer 'Transcription regulatory protein (Pca regulon)'
2 non-polymer 'SUCCINIC ACID'
3 non-polymer 1,2-ETHANEDIOL
4 non-polymer 'PHOSPHATE ION'
5 non-polymer 'CHLORIDE ION'
6 water water
#
_entity_poly.entity_id   1
_entity_poly.type   'polypeptide(L)'
_entity_poly.pdbx_seq_one_letter_code
;MSDETLGNDSGNAEVARPASAAMAPPIVASPAKRIQAFTGDPDFMTSLARGLAVIQAFQERKRHLTIAQISHRTEIPRAA
VRRCLHTLIKLGYATTDGRTYSLLPKVLTLGHAYLSSTPLAISAQPYLDRISDQLHEAANMATLEGDDILYIARSATVER
LISVDLSVGGRLPAYCTSMGRILLAAMDDTSLREYLERADLKARTSRTLNDPESLFACIQQVRAQGWCVVDQELEQGLRS
IAVPVYDASGQVLAALNVSTHVGRVTRSELEQRFLPILLAASRDLCHQLFG
;
_entity_poly.pdbx_strand_id   A,B
#
loop_
_chem_comp.id
_chem_comp.type
_chem_comp.name
_chem_comp.formula
CL non-polymer 'CHLORIDE ION' 'Cl -1'
EDO non-polymer 1,2-ETHANEDIOL 'C2 H6 O2'
PO4 non-polymer 'PHOSPHATE ION' 'O4 P -3'
SIN non-polymer 'SUCCINIC ACID' 'C4 H6 O4'
#
# COMPACT_ATOMS: atom_id res chain seq x y z
N ALA A 29 -5.23 -3.03 -26.82
CA ALA A 29 -6.14 -2.29 -25.94
C ALA A 29 -6.35 -3.06 -24.63
N SER A 30 -6.90 -4.27 -24.74
CA SER A 30 -7.19 -5.07 -23.56
C SER A 30 -5.91 -5.58 -22.92
N PRO A 31 -5.98 -6.05 -21.66
CA PRO A 31 -4.79 -6.68 -21.07
C PRO A 31 -4.27 -7.86 -21.87
N ALA A 32 -5.17 -8.65 -22.47
CA ALA A 32 -4.73 -9.77 -23.31
C ALA A 32 -3.98 -9.27 -24.54
N LYS A 33 -4.49 -8.21 -25.18
CA LYS A 33 -3.81 -7.68 -26.36
C LYS A 33 -2.41 -7.18 -25.99
N ARG A 34 -2.27 -6.58 -24.80
CA ARG A 34 -0.95 -6.18 -24.34
C ARG A 34 -0.04 -7.38 -24.17
N ILE A 35 -0.55 -8.46 -23.56
CA ILE A 35 0.28 -9.66 -23.35
C ILE A 35 0.67 -10.27 -24.69
N GLN A 36 -0.30 -10.43 -25.59
CA GLN A 36 -0.04 -11.11 -26.85
C GLN A 36 0.82 -10.28 -27.79
N ALA A 37 1.04 -9.00 -27.48
CA ALA A 37 1.94 -8.18 -28.27
C ALA A 37 3.40 -8.56 -28.07
N PHE A 38 3.71 -9.35 -27.04
CA PHE A 38 5.08 -9.82 -26.82
C PHE A 38 5.23 -11.29 -27.21
N THR A 39 4.25 -11.86 -27.91
CA THR A 39 4.29 -13.30 -28.16
C THR A 39 5.49 -13.71 -29.01
N GLY A 40 6.14 -12.76 -29.68
CA GLY A 40 7.36 -13.02 -30.41
C GLY A 40 8.63 -12.92 -29.58
N ASP A 41 8.51 -12.51 -28.32
CA ASP A 41 9.66 -12.41 -27.44
C ASP A 41 9.79 -13.69 -26.62
N PRO A 42 10.90 -14.43 -26.72
CA PRO A 42 11.00 -15.71 -26.02
C PRO A 42 11.22 -15.59 -24.53
N ASP A 43 11.64 -14.42 -24.04
CA ASP A 43 11.90 -14.23 -22.62
C ASP A 43 10.72 -13.62 -21.89
N PHE A 44 9.58 -13.45 -22.55
CA PHE A 44 8.41 -12.81 -21.97
C PHE A 44 7.48 -13.90 -21.44
N MET A 45 7.34 -13.97 -20.11
CA MET A 45 6.49 -14.96 -19.45
C MET A 45 5.02 -14.59 -19.60
N THR A 46 4.35 -15.22 -20.56
CA THR A 46 2.93 -14.95 -20.79
C THR A 46 2.09 -15.29 -19.56
N SER A 47 2.42 -16.38 -18.86
CA SER A 47 1.61 -16.76 -17.71
C SER A 47 1.87 -15.85 -16.51
N LEU A 48 3.06 -15.28 -16.40
CA LEU A 48 3.28 -14.29 -15.34
C LEU A 48 2.56 -12.98 -15.68
N ALA A 49 2.62 -12.55 -16.93
CA ALA A 49 1.84 -11.40 -17.35
C ALA A 49 0.34 -11.62 -17.12
N ARG A 50 -0.16 -12.79 -17.50
CA ARG A 50 -1.58 -13.08 -17.28
C ARG A 50 -1.92 -13.08 -15.79
N GLY A 51 -1.08 -13.73 -14.98
CA GLY A 51 -1.32 -13.74 -13.54
C GLY A 51 -1.38 -12.33 -12.95
N LEU A 52 -0.42 -11.48 -13.33
CA LEU A 52 -0.48 -10.10 -12.86
C LEU A 52 -1.72 -9.38 -13.38
N ALA A 53 -2.08 -9.62 -14.65
CA ALA A 53 -3.31 -9.06 -15.17
C ALA A 53 -4.53 -9.54 -14.39
N VAL A 54 -4.52 -10.79 -13.92
CA VAL A 54 -5.63 -11.30 -13.12
C VAL A 54 -5.74 -10.57 -11.79
N ILE A 55 -4.60 -10.27 -11.15
CA ILE A 55 -4.64 -9.47 -9.93
C ILE A 55 -5.28 -8.12 -10.20
N GLN A 56 -4.84 -7.45 -11.26
CA GLN A 56 -5.39 -6.15 -11.62
C GLN A 56 -6.88 -6.20 -11.92
N ALA A 57 -7.40 -7.38 -12.28
CA ALA A 57 -8.81 -7.47 -12.64
C ALA A 57 -9.73 -7.17 -11.45
N PHE A 58 -9.19 -7.25 -10.22
CA PHE A 58 -9.97 -6.95 -9.03
C PHE A 58 -10.05 -5.47 -8.71
N GLN A 59 -9.34 -4.62 -9.44
CA GLN A 59 -9.35 -3.18 -9.15
C GLN A 59 -10.77 -2.69 -9.09
N GLU A 60 -11.13 -2.11 -7.95
CA GLU A 60 -12.41 -1.45 -7.68
C GLU A 60 -13.60 -2.41 -7.76
N ARG A 61 -13.36 -3.72 -7.86
CA ARG A 61 -14.45 -4.69 -7.92
C ARG A 61 -14.81 -5.05 -6.49
N LYS A 62 -15.74 -4.28 -5.91
CA LYS A 62 -16.00 -4.39 -4.48
C LYS A 62 -16.44 -5.79 -4.09
N ARG A 63 -17.24 -6.43 -4.92
CA ARG A 63 -17.66 -7.81 -4.66
C ARG A 63 -16.53 -8.76 -5.07
N HIS A 64 -16.83 -10.05 -5.07
CA HIS A 64 -15.89 -11.05 -5.55
C HIS A 64 -16.15 -11.30 -7.03
N LEU A 65 -15.21 -11.96 -7.69
CA LEU A 65 -15.29 -12.15 -9.12
C LEU A 65 -15.30 -13.64 -9.46
N THR A 66 -16.06 -13.98 -10.49
CA THR A 66 -16.01 -15.29 -11.11
C THR A 66 -14.92 -15.34 -12.17
N ILE A 67 -14.65 -16.56 -12.63
CA ILE A 67 -13.73 -16.75 -13.75
C ILE A 67 -14.24 -16.02 -14.99
N ALA A 68 -15.53 -16.18 -15.30
CA ALA A 68 -16.12 -15.52 -16.47
C ALA A 68 -15.96 -14.00 -16.38
N GLN A 69 -16.18 -13.43 -15.20
CA GLN A 69 -16.12 -11.98 -15.05
C GLN A 69 -14.69 -11.48 -15.29
N ILE A 70 -13.71 -12.14 -14.68
CA ILE A 70 -12.30 -11.81 -14.91
C ILE A 70 -11.92 -12.06 -16.37
N SER A 71 -12.50 -13.09 -16.99
CA SER A 71 -12.16 -13.38 -18.38
C SER A 71 -12.75 -12.33 -19.33
N HIS A 72 -13.88 -11.73 -18.96
CA HIS A 72 -14.43 -10.62 -19.72
C HIS A 72 -13.63 -9.33 -19.49
N ARG A 73 -13.27 -9.04 -18.23
CA ARG A 73 -12.47 -7.85 -17.92
C ARG A 73 -11.19 -7.80 -18.76
N THR A 74 -10.44 -8.88 -18.74
CA THR A 74 -9.08 -8.93 -19.27
C THR A 74 -8.96 -9.53 -20.65
N GLU A 75 -10.02 -10.16 -21.17
CA GLU A 75 -10.00 -10.90 -22.43
C GLU A 75 -9.01 -12.06 -22.42
N ILE A 76 -8.62 -12.53 -21.24
CA ILE A 76 -7.77 -13.72 -21.13
C ILE A 76 -8.70 -14.95 -21.18
N PRO A 77 -8.36 -15.97 -21.96
CA PRO A 77 -9.23 -17.15 -22.03
C PRO A 77 -9.41 -17.81 -20.67
N ARG A 78 -10.64 -18.31 -20.45
CA ARG A 78 -11.07 -18.81 -19.15
C ARG A 78 -10.13 -19.87 -18.61
N ALA A 79 -9.62 -20.73 -19.48
CA ALA A 79 -8.69 -21.78 -19.05
C ALA A 79 -7.44 -21.20 -18.41
N ALA A 80 -6.86 -20.17 -19.04
CA ALA A 80 -5.69 -19.51 -18.45
C ALA A 80 -6.06 -18.79 -17.17
N VAL A 81 -7.20 -18.10 -17.14
CA VAL A 81 -7.60 -17.37 -15.95
C VAL A 81 -7.80 -18.34 -14.77
N ARG A 82 -8.40 -19.50 -15.05
CA ARG A 82 -8.58 -20.50 -13.98
C ARG A 82 -7.23 -20.99 -13.47
N ARG A 83 -6.29 -21.23 -14.38
CA ARG A 83 -4.98 -21.70 -13.93
C ARG A 83 -4.23 -20.61 -13.17
N CYS A 84 -4.41 -19.35 -13.55
CA CYS A 84 -3.79 -18.26 -12.80
C CYS A 84 -4.34 -18.23 -11.37
N LEU A 85 -5.68 -18.22 -11.24
CA LEU A 85 -6.32 -18.22 -9.94
C LEU A 85 -5.90 -19.45 -9.13
N HIS A 86 -5.91 -20.63 -9.74
CA HIS A 86 -5.44 -21.82 -9.05
C HIS A 86 -4.04 -21.63 -8.52
N THR A 87 -3.16 -21.04 -9.33
CA THR A 87 -1.78 -20.80 -8.89
C THR A 87 -1.74 -19.81 -7.73
N LEU A 88 -2.43 -18.67 -7.87
CA LEU A 88 -2.44 -17.70 -6.78
C LEU A 88 -2.99 -18.31 -5.50
N ILE A 89 -3.94 -19.24 -5.62
CA ILE A 89 -4.50 -19.86 -4.42
C ILE A 89 -3.42 -20.65 -3.69
N LYS A 90 -2.68 -21.48 -4.42
CA LYS A 90 -1.68 -22.35 -3.79
C LYS A 90 -0.56 -21.53 -3.14
N LEU A 91 -0.37 -20.29 -3.57
CA LEU A 91 0.68 -19.41 -3.08
C LEU A 91 0.19 -18.50 -1.95
N GLY A 92 -1.08 -18.59 -1.59
CA GLY A 92 -1.63 -17.74 -0.56
C GLY A 92 -2.00 -16.33 -1.00
N TYR A 93 -2.12 -16.06 -2.30
CA TYR A 93 -2.52 -14.74 -2.72
C TYR A 93 -4.03 -14.62 -2.92
N ALA A 94 -4.77 -15.73 -2.94
CA ALA A 94 -6.16 -15.68 -3.35
C ALA A 94 -6.91 -16.84 -2.73
N THR A 95 -8.23 -16.73 -2.73
CA THR A 95 -9.07 -17.77 -2.15
C THR A 95 -10.32 -17.91 -3.01
N THR A 96 -11.06 -19.00 -2.79
CA THR A 96 -12.24 -19.27 -3.61
C THR A 96 -13.22 -20.11 -2.81
N ASP A 97 -14.50 -20.03 -3.20
CA ASP A 97 -15.50 -20.99 -2.77
C ASP A 97 -15.88 -21.93 -3.90
N GLY A 98 -15.17 -21.87 -5.03
CA GLY A 98 -15.46 -22.67 -6.21
C GLY A 98 -16.21 -21.92 -7.29
N ARG A 99 -16.90 -20.84 -6.93
CA ARG A 99 -17.61 -19.99 -7.88
C ARG A 99 -16.99 -18.61 -7.99
N THR A 100 -16.87 -17.88 -6.89
CA THR A 100 -16.23 -16.57 -6.88
C THR A 100 -14.83 -16.66 -6.29
N TYR A 101 -14.06 -15.62 -6.54
CA TYR A 101 -12.67 -15.51 -6.12
C TYR A 101 -12.43 -14.14 -5.51
N SER A 102 -11.55 -14.09 -4.52
CA SER A 102 -11.17 -12.82 -3.95
C SER A 102 -9.69 -12.88 -3.60
N LEU A 103 -9.05 -11.72 -3.62
CA LEU A 103 -7.63 -11.67 -3.28
C LEU A 103 -7.45 -11.79 -1.77
N LEU A 104 -6.24 -12.21 -1.35
CA LEU A 104 -5.84 -12.35 0.05
C LEU A 104 -4.87 -11.24 0.46
N PRO A 105 -4.78 -10.92 1.77
CA PRO A 105 -3.95 -9.77 2.20
C PRO A 105 -2.50 -9.86 1.74
N LYS A 106 -2.02 -11.08 1.51
CA LYS A 106 -0.64 -11.25 1.08
C LYS A 106 -0.33 -10.41 -0.16
N VAL A 107 -1.34 -10.14 -1.00
CA VAL A 107 -1.12 -9.28 -2.15
C VAL A 107 -0.56 -7.94 -1.73
N LEU A 108 -0.98 -7.43 -0.56
CA LEU A 108 -0.46 -6.16 -0.06
C LEU A 108 1.04 -6.20 0.11
N THR A 109 1.59 -7.36 0.50
CA THR A 109 3.04 -7.40 0.69
C THR A 109 3.79 -7.14 -0.61
N LEU A 110 3.15 -7.33 -1.77
CA LEU A 110 3.80 -7.00 -3.03
C LEU A 110 4.06 -5.50 -3.12
N GLY A 111 3.06 -4.68 -2.78
CA GLY A 111 3.29 -3.24 -2.76
C GLY A 111 4.32 -2.83 -1.73
N HIS A 112 4.40 -3.54 -0.62
CA HIS A 112 5.40 -3.21 0.40
C HIS A 112 6.83 -3.42 -0.11
N ALA A 113 7.01 -4.41 -1.00
CA ALA A 113 8.33 -4.63 -1.60
C ALA A 113 8.83 -3.38 -2.32
N TYR A 114 7.92 -2.64 -2.97
CA TYR A 114 8.32 -1.37 -3.59
C TYR A 114 8.65 -0.31 -2.53
N LEU A 115 7.78 -0.16 -1.52
CA LEU A 115 7.98 0.87 -0.48
C LEU A 115 9.26 0.66 0.31
N SER A 116 9.53 -0.55 0.75
CA SER A 116 10.69 -0.76 1.60
C SER A 116 11.99 -0.84 0.82
N SER A 117 11.93 -0.69 -0.50
CA SER A 117 13.13 -0.67 -1.32
C SER A 117 13.30 0.62 -2.09
N THR A 118 12.45 1.62 -1.86
CA THR A 118 12.52 2.89 -2.58
C THR A 118 12.86 4.02 -1.62
N PRO A 119 14.10 4.54 -1.63
CA PRO A 119 14.45 5.60 -0.67
C PRO A 119 13.65 6.88 -0.84
N LEU A 120 13.21 7.21 -2.05
CA LEU A 120 12.37 8.40 -2.23
C LEU A 120 11.10 8.30 -1.39
N ALA A 121 10.40 7.17 -1.48
CA ALA A 121 9.19 6.97 -0.69
C ALA A 121 9.48 7.02 0.81
N ILE A 122 10.56 6.37 1.23
CA ILE A 122 10.85 6.28 2.66
C ILE A 122 11.18 7.65 3.24
N SER A 123 12.00 8.43 2.53
CA SER A 123 12.43 9.69 3.11
C SER A 123 11.37 10.77 2.98
N ALA A 124 10.37 10.59 2.12
CA ALA A 124 9.35 11.61 1.99
C ALA A 124 8.41 11.65 3.20
N GLN A 125 8.12 10.50 3.79
CA GLN A 125 7.09 10.40 4.82
C GLN A 125 7.26 11.38 5.97
N PRO A 126 8.42 11.52 6.61
CA PRO A 126 8.49 12.50 7.71
C PRO A 126 8.20 13.92 7.26
N TYR A 127 8.62 14.30 6.06
CA TYR A 127 8.24 15.61 5.54
C TYR A 127 6.73 15.70 5.33
N LEU A 128 6.15 14.69 4.67
CA LEU A 128 4.70 14.63 4.48
C LEU A 128 3.95 14.74 5.80
N ASP A 129 4.48 14.12 6.87
CA ASP A 129 3.79 14.13 8.16
C ASP A 129 3.88 15.49 8.84
N ARG A 130 5.06 16.12 8.75
CA ARG A 130 5.26 17.44 9.36
C ARG A 130 4.44 18.51 8.65
N ILE A 131 4.46 18.50 7.31
CA ILE A 131 3.60 19.40 6.52
C ILE A 131 2.16 19.26 6.98
N SER A 132 1.67 18.02 7.05
CA SER A 132 0.29 17.77 7.47
C SER A 132 0.02 18.31 8.88
N ASP A 133 1.00 18.23 9.78
CA ASP A 133 0.78 18.69 11.15
C ASP A 133 0.77 20.21 11.24
N GLN A 134 1.59 20.90 10.44
CA GLN A 134 1.60 22.36 10.47
C GLN A 134 0.30 22.94 9.94
N LEU A 135 -0.16 22.42 8.80
CA LEU A 135 -1.27 23.00 8.07
C LEU A 135 -2.60 22.33 8.38
N HIS A 136 -2.60 21.20 9.07
CA HIS A 136 -3.83 20.44 9.32
C HIS A 136 -4.56 20.12 8.02
N GLU A 137 -3.80 19.74 6.99
CA GLU A 137 -4.33 19.28 5.72
C GLU A 137 -3.57 18.03 5.29
N ALA A 138 -4.15 17.32 4.33
CA ALA A 138 -3.48 16.15 3.77
C ALA A 138 -2.36 16.59 2.85
N ALA A 139 -1.26 15.82 2.87
CA ALA A 139 -0.09 16.06 2.03
C ALA A 139 0.24 14.76 1.32
N ASN A 140 0.67 14.85 0.07
CA ASN A 140 0.86 13.64 -0.72
C ASN A 140 2.10 13.76 -1.59
N MET A 141 2.49 12.61 -2.15
CA MET A 141 3.55 12.53 -3.14
C MET A 141 3.12 11.53 -4.21
N ALA A 142 3.19 11.96 -5.47
CA ALA A 142 2.85 11.09 -6.58
C ALA A 142 3.98 11.11 -7.60
N THR A 143 4.02 10.03 -8.37
CA THR A 143 4.83 9.91 -9.56
C THR A 143 3.87 9.82 -10.73
N LEU A 144 4.44 9.81 -11.94
CA LEU A 144 3.66 9.66 -13.15
C LEU A 144 3.70 8.21 -13.62
N GLU A 145 2.54 7.64 -13.94
CA GLU A 145 2.51 6.35 -14.60
C GLU A 145 1.53 6.43 -15.76
N GLY A 146 2.06 6.50 -16.98
CA GLY A 146 1.22 6.61 -18.15
C GLY A 146 0.50 7.93 -18.24
N ASP A 147 -0.82 7.88 -18.10
CA ASP A 147 -1.67 9.06 -18.16
C ASP A 147 -2.17 9.50 -16.79
N ASP A 148 -1.91 8.71 -15.76
CA ASP A 148 -2.34 9.02 -14.40
C ASP A 148 -1.14 9.41 -13.53
N ILE A 149 -1.44 9.92 -12.34
CA ILE A 149 -0.47 10.01 -11.26
C ILE A 149 -0.75 8.88 -10.29
N LEU A 150 0.30 8.34 -9.70
CA LEU A 150 0.20 7.22 -8.77
C LEU A 150 0.65 7.73 -7.42
N TYR A 151 -0.23 7.63 -6.43
CA TYR A 151 0.08 8.10 -5.08
C TYR A 151 1.02 7.11 -4.42
N ILE A 152 2.26 7.53 -4.17
CA ILE A 152 3.22 6.62 -3.58
C ILE A 152 3.40 6.84 -2.08
N ALA A 153 3.07 8.03 -1.57
CA ALA A 153 3.12 8.28 -0.14
C ALA A 153 2.11 9.35 0.24
N ARG A 154 1.47 9.15 1.39
CA ARG A 154 0.39 10.00 1.86
C ARG A 154 0.62 10.34 3.33
N SER A 155 -0.05 11.40 3.79
CA SER A 155 -0.16 11.66 5.22
C SER A 155 -1.49 12.36 5.42
N ALA A 156 -2.48 11.61 5.91
CA ALA A 156 -3.85 12.08 6.00
C ALA A 156 -4.16 12.66 7.36
N THR A 157 -5.19 13.50 7.40
CA THR A 157 -5.65 14.13 8.64
C THR A 157 -6.76 13.31 9.28
N LEU A 166 -6.70 9.32 -2.45
CA LEU A 166 -7.49 8.67 -1.39
C LEU A 166 -6.76 7.46 -0.78
N SER A 167 -5.73 6.95 -1.44
CA SER A 167 -5.03 5.75 -0.95
C SER A 167 -3.68 5.62 -1.66
N VAL A 168 -2.66 5.19 -0.89
CA VAL A 168 -1.37 4.83 -1.51
C VAL A 168 -1.61 3.72 -2.52
N GLY A 169 -1.04 3.87 -3.71
CA GLY A 169 -1.31 2.96 -4.80
C GLY A 169 -2.52 3.32 -5.64
N GLY A 170 -3.23 4.39 -5.30
CA GLY A 170 -4.35 4.83 -6.10
C GLY A 170 -3.94 5.83 -7.17
N ARG A 171 -4.77 5.91 -8.22
CA ARG A 171 -4.50 6.67 -9.42
C ARG A 171 -5.52 7.79 -9.58
N LEU A 172 -5.07 8.93 -10.10
CA LEU A 172 -5.94 10.02 -10.51
C LEU A 172 -5.47 10.50 -11.89
N PRO A 173 -6.33 11.17 -12.64
CA PRO A 173 -5.87 11.67 -13.94
C PRO A 173 -4.88 12.82 -13.77
N ALA A 174 -3.94 12.89 -14.70
CA ALA A 174 -2.88 13.89 -14.58
C ALA A 174 -3.34 15.28 -15.01
N TYR A 175 -4.18 15.39 -16.05
CA TYR A 175 -4.48 16.70 -16.63
C TYR A 175 -5.24 17.62 -15.69
N CYS A 176 -5.95 17.09 -14.70
CA CYS A 176 -6.81 17.92 -13.84
C CYS A 176 -6.44 17.80 -12.36
N THR A 177 -5.18 17.46 -12.06
CA THR A 177 -4.67 17.43 -10.70
C THR A 177 -3.45 18.33 -10.59
N SER A 178 -3.20 18.85 -9.38
CA SER A 178 -2.05 19.70 -9.17
C SER A 178 -0.75 18.94 -9.41
N MET A 179 -0.66 17.74 -8.84
CA MET A 179 0.56 16.96 -8.97
C MET A 179 0.76 16.50 -10.42
N GLY A 180 -0.35 16.27 -11.14
CA GLY A 180 -0.25 15.86 -12.53
C GLY A 180 0.26 16.96 -13.45
N ARG A 181 -0.20 18.19 -13.25
CA ARG A 181 0.29 19.28 -14.07
C ARG A 181 1.76 19.57 -13.78
N ILE A 182 2.20 19.36 -12.54
CA ILE A 182 3.64 19.39 -12.25
C ILE A 182 4.37 18.39 -13.13
N LEU A 183 3.92 17.14 -13.13
CA LEU A 183 4.62 16.08 -13.85
C LEU A 183 4.39 16.16 -15.36
N LEU A 184 3.24 16.65 -15.81
CA LEU A 184 3.10 16.95 -17.22
C LEU A 184 4.01 18.09 -17.64
N ALA A 185 4.25 19.04 -16.74
CA ALA A 185 5.14 20.15 -17.08
C ALA A 185 6.58 19.70 -17.20
N ALA A 186 6.96 18.67 -16.46
CA ALA A 186 8.31 18.13 -16.55
C ALA A 186 8.59 17.48 -17.89
N MET A 187 7.55 17.14 -18.66
CA MET A 187 7.74 16.48 -19.94
C MET A 187 8.37 17.43 -20.95
N ASP A 188 9.00 16.86 -21.97
CA ASP A 188 9.40 17.68 -23.10
C ASP A 188 8.18 17.96 -23.98
N ASP A 189 8.31 18.98 -24.83
CA ASP A 189 7.18 19.41 -25.64
C ASP A 189 6.62 18.29 -26.50
N THR A 190 7.45 17.31 -26.87
CA THR A 190 6.97 16.22 -27.72
C THR A 190 6.07 15.27 -26.94
N SER A 191 6.54 14.78 -25.79
CA SER A 191 5.75 13.83 -25.03
C SER A 191 4.48 14.46 -24.48
N LEU A 192 4.47 15.78 -24.31
CA LEU A 192 3.30 16.44 -23.73
C LEU A 192 2.17 16.51 -24.75
N ARG A 193 2.49 16.78 -26.01
CA ARG A 193 1.44 16.79 -27.02
C ARG A 193 0.88 15.40 -27.26
N GLU A 194 1.76 14.38 -27.29
CA GLU A 194 1.29 13.02 -27.44
C GLU A 194 0.34 12.63 -26.32
N TYR A 195 0.58 13.16 -25.12
CA TYR A 195 -0.33 12.87 -24.01
C TYR A 195 -1.66 13.59 -24.20
N LEU A 196 -1.59 14.88 -24.57
CA LEU A 196 -2.77 15.73 -24.57
C LEU A 196 -3.83 15.23 -25.55
N GLU A 197 -3.45 14.97 -26.80
CA GLU A 197 -4.42 14.52 -27.78
C GLU A 197 -4.76 13.04 -27.66
N ARG A 198 -4.04 12.27 -26.82
CA ARG A 198 -4.39 10.87 -26.59
C ARG A 198 -5.14 10.66 -25.29
N ALA A 199 -5.02 11.56 -24.32
CA ALA A 199 -5.73 11.39 -23.07
C ALA A 199 -7.20 11.75 -23.21
N ASP A 200 -8.02 11.13 -22.38
CA ASP A 200 -9.42 11.49 -22.22
C ASP A 200 -9.48 12.74 -21.35
N LEU A 201 -9.64 13.91 -21.99
CA LEU A 201 -9.72 15.16 -21.25
C LEU A 201 -11.17 15.49 -20.92
N LYS A 202 -11.81 14.55 -20.23
CA LYS A 202 -13.22 14.70 -19.83
C LYS A 202 -13.37 15.85 -18.85
N ALA A 203 -14.51 16.56 -18.96
CA ALA A 203 -14.81 17.68 -18.08
C ALA A 203 -15.51 17.15 -16.83
N ARG A 204 -14.92 17.39 -15.67
CA ARG A 204 -15.45 16.90 -14.40
C ARG A 204 -16.24 17.96 -13.64
N THR A 205 -15.87 19.23 -13.75
CA THR A 205 -16.62 20.29 -13.09
C THR A 205 -16.87 21.42 -14.06
N SER A 206 -17.48 22.51 -13.58
CA SER A 206 -17.66 23.68 -14.43
C SER A 206 -16.33 24.32 -14.83
N ARG A 207 -15.27 24.11 -14.05
CA ARG A 207 -13.99 24.79 -14.26
C ARG A 207 -12.92 23.88 -14.85
N THR A 208 -13.24 22.63 -15.17
CA THR A 208 -12.23 21.70 -15.67
C THR A 208 -11.78 22.09 -17.08
N LEU A 209 -10.46 22.21 -17.28
CA LEU A 209 -9.93 22.37 -18.62
C LEU A 209 -9.90 21.03 -19.35
N ASN A 210 -10.52 20.98 -20.53
CA ASN A 210 -10.82 19.72 -21.20
C ASN A 210 -10.37 19.67 -22.66
N ASP A 211 -9.54 20.63 -23.09
CA ASP A 211 -9.03 20.58 -24.45
C ASP A 211 -7.51 20.76 -24.45
N PRO A 212 -6.82 20.24 -25.46
CA PRO A 212 -5.34 20.24 -25.42
C PRO A 212 -4.74 21.63 -25.48
N GLU A 213 -5.40 22.56 -26.16
CA GLU A 213 -4.85 23.91 -26.28
C GLU A 213 -4.91 24.64 -24.95
N SER A 214 -6.07 24.62 -24.29
CA SER A 214 -6.16 25.24 -22.99
C SER A 214 -5.20 24.59 -22.00
N LEU A 215 -5.11 23.26 -22.03
CA LEU A 215 -4.22 22.57 -21.10
C LEU A 215 -2.76 22.89 -21.38
N PHE A 216 -2.34 22.87 -22.64
CA PHE A 216 -0.95 23.20 -22.94
C PHE A 216 -0.60 24.61 -22.47
N ALA A 217 -1.49 25.58 -22.63
CA ALA A 217 -1.23 26.90 -22.07
C ALA A 217 -1.12 26.84 -20.56
N CYS A 218 -2.01 26.09 -19.91
CA CYS A 218 -1.91 25.93 -18.47
C CYS A 218 -0.56 25.37 -18.07
N ILE A 219 -0.11 24.29 -18.73
CA ILE A 219 1.17 23.68 -18.42
C ILE A 219 2.31 24.68 -18.64
N GLN A 220 2.22 25.48 -19.71
CA GLN A 220 3.25 26.50 -19.93
C GLN A 220 3.35 27.45 -18.75
N GLN A 221 2.23 27.72 -18.09
CA GLN A 221 2.25 28.61 -16.95
C GLN A 221 2.77 27.91 -15.69
N VAL A 222 2.41 26.63 -15.50
CA VAL A 222 3.01 25.88 -14.41
C VAL A 222 4.51 25.80 -14.60
N ARG A 223 4.94 25.52 -15.82
CA ARG A 223 6.36 25.44 -16.12
C ARG A 223 7.10 26.71 -15.67
N ALA A 224 6.48 27.89 -15.86
CA ALA A 224 7.13 29.14 -15.53
C ALA A 224 7.07 29.46 -14.04
N GLN A 225 6.05 28.99 -13.33
CA GLN A 225 5.94 29.24 -11.91
C GLN A 225 6.81 28.28 -11.09
N GLY A 226 6.90 27.03 -11.51
CA GLY A 226 7.46 26.01 -10.66
C GLY A 226 6.54 25.55 -9.55
N TRP A 227 5.23 25.74 -9.70
CA TRP A 227 4.26 25.20 -8.77
C TRP A 227 2.91 25.18 -9.48
N CYS A 228 1.93 24.53 -8.86
CA CYS A 228 0.64 24.44 -9.50
C CYS A 228 -0.48 24.43 -8.48
N VAL A 229 -1.47 25.30 -8.69
CA VAL A 229 -2.71 25.27 -7.95
C VAL A 229 -3.82 24.84 -8.89
N VAL A 230 -4.52 23.75 -8.56
CA VAL A 230 -5.73 23.36 -9.26
C VAL A 230 -6.90 23.65 -8.32
N ASP A 231 -7.90 24.38 -8.83
CA ASP A 231 -9.05 24.82 -8.07
C ASP A 231 -10.30 24.17 -8.64
N GLN A 232 -10.75 23.09 -8.00
CA GLN A 232 -12.07 22.53 -8.26
C GLN A 232 -12.22 22.02 -9.69
N GLU A 233 -11.13 21.46 -10.24
CA GLU A 233 -11.19 20.88 -11.57
C GLU A 233 -11.34 19.36 -11.53
N LEU A 234 -11.04 18.72 -10.40
CA LEU A 234 -11.32 17.30 -10.24
C LEU A 234 -12.72 17.09 -9.67
N GLU A 235 -13.01 17.72 -8.54
CA GLU A 235 -14.36 17.73 -7.99
C GLU A 235 -14.56 19.01 -7.19
N GLN A 236 -15.83 19.41 -7.07
CA GLN A 236 -16.14 20.68 -6.41
C GLN A 236 -15.70 20.65 -4.96
N GLY A 237 -15.29 21.82 -4.46
CA GLY A 237 -14.80 21.96 -3.10
C GLY A 237 -13.36 21.56 -2.87
N LEU A 238 -12.70 20.95 -3.85
CA LEU A 238 -11.35 20.44 -3.69
C LEU A 238 -10.35 21.36 -4.40
N ARG A 239 -9.33 21.80 -3.67
CA ARG A 239 -8.33 22.70 -4.22
C ARG A 239 -6.98 22.38 -3.62
N SER A 240 -5.96 22.21 -4.45
CA SER A 240 -4.69 21.66 -4.03
C SER A 240 -3.54 22.42 -4.70
N ILE A 241 -2.35 22.31 -4.09
CA ILE A 241 -1.16 23.03 -4.56
C ILE A 241 0.02 22.07 -4.54
N ALA A 242 0.77 22.01 -5.63
CA ALA A 242 1.83 21.02 -5.79
C ALA A 242 3.14 21.66 -6.22
N VAL A 243 4.24 20.99 -5.89
CA VAL A 243 5.58 21.42 -6.30
C VAL A 243 6.37 20.19 -6.73
N PRO A 244 7.41 20.39 -7.54
CA PRO A 244 8.17 19.23 -8.02
C PRO A 244 9.23 18.77 -7.04
N VAL A 245 9.55 17.48 -7.13
CA VAL A 245 10.63 16.86 -6.37
C VAL A 245 11.74 16.54 -7.36
N TYR A 246 12.92 17.12 -7.14
CA TYR A 246 14.07 16.97 -8.03
C TYR A 246 15.05 15.95 -7.52
N ASP A 247 15.91 15.46 -8.42
CA ASP A 247 17.14 14.80 -8.01
C ASP A 247 18.29 15.80 -8.14
N ALA A 248 19.51 15.34 -7.86
CA ALA A 248 20.67 16.22 -7.96
C ALA A 248 21.01 16.56 -9.40
N SER A 249 20.54 15.76 -10.37
CA SER A 249 20.79 16.01 -11.77
C SER A 249 19.81 16.99 -12.38
N GLY A 250 18.74 17.34 -11.67
CA GLY A 250 17.74 18.28 -12.15
C GLY A 250 16.44 17.66 -12.62
N GLN A 251 16.39 16.35 -12.88
CA GLN A 251 15.16 15.70 -13.31
C GLN A 251 14.09 15.78 -12.22
N VAL A 252 12.84 15.92 -12.65
CA VAL A 252 11.71 15.88 -11.73
C VAL A 252 11.39 14.41 -11.50
N LEU A 253 11.62 13.92 -10.28
CA LEU A 253 11.33 12.53 -9.99
C LEU A 253 9.86 12.35 -9.65
N ALA A 254 9.22 13.38 -9.11
CA ALA A 254 7.94 13.23 -8.42
C ALA A 254 7.43 14.61 -8.07
N ALA A 255 6.24 14.64 -7.47
CA ALA A 255 5.60 15.88 -7.08
C ALA A 255 5.07 15.74 -5.66
N LEU A 256 4.96 16.88 -4.99
CA LEU A 256 4.52 16.95 -3.62
C LEU A 256 3.38 17.95 -3.60
N ASN A 257 2.32 17.68 -2.83
CA ASN A 257 1.20 18.61 -2.80
C ASN A 257 0.54 18.65 -1.43
N VAL A 258 -0.40 19.57 -1.29
CA VAL A 258 -1.26 19.68 -0.12
C VAL A 258 -2.70 19.79 -0.61
N SER A 259 -3.59 19.04 0.00
CA SER A 259 -4.99 18.96 -0.39
C SER A 259 -5.81 19.74 0.62
N THR A 260 -6.58 20.71 0.14
CA THR A 260 -7.37 21.53 1.05
C THR A 260 -8.80 21.63 0.54
N HIS A 261 -9.67 22.09 1.42
CA HIS A 261 -11.04 22.43 1.05
C HIS A 261 -11.12 23.92 0.77
N VAL A 262 -11.96 24.29 -0.20
CA VAL A 262 -11.99 25.68 -0.64
C VAL A 262 -12.62 26.58 0.42
N GLY A 263 -13.51 26.04 1.26
CA GLY A 263 -14.15 26.86 2.26
C GLY A 263 -13.27 27.24 3.43
N ARG A 264 -12.24 26.45 3.72
CA ARG A 264 -11.40 26.69 4.88
C ARG A 264 -10.23 27.61 4.52
N VAL A 265 -9.40 27.20 3.56
CA VAL A 265 -8.26 27.99 3.13
C VAL A 265 -8.59 28.65 1.80
N THR A 266 -7.94 29.78 1.55
CA THR A 266 -8.13 30.55 0.33
C THR A 266 -6.93 30.38 -0.59
N ARG A 267 -7.10 30.82 -1.84
CA ARG A 267 -5.97 30.82 -2.75
C ARG A 267 -4.84 31.70 -2.25
N SER A 268 -5.14 32.72 -1.44
CA SER A 268 -4.08 33.57 -0.90
C SER A 268 -3.18 32.81 0.05
N GLU A 269 -3.77 32.11 1.04
CA GLU A 269 -2.95 31.31 1.96
C GLU A 269 -2.21 30.21 1.24
N LEU A 270 -2.82 29.61 0.22
CA LEU A 270 -2.15 28.56 -0.55
C LEU A 270 -0.83 29.06 -1.12
N GLU A 271 -0.84 30.21 -1.76
CA GLU A 271 0.33 30.68 -2.47
C GLU A 271 1.29 31.48 -1.61
N GLN A 272 0.83 32.01 -0.47
CA GLN A 272 1.72 32.80 0.37
C GLN A 272 2.19 32.07 1.61
N ARG A 273 1.47 31.06 2.08
CA ARG A 273 1.91 30.25 3.21
C ARG A 273 2.21 28.81 2.83
N PHE A 274 1.30 28.13 2.14
CA PHE A 274 1.51 26.71 1.82
C PHE A 274 2.67 26.52 0.86
N LEU A 275 2.75 27.35 -0.18
CA LEU A 275 3.78 27.22 -1.20
C LEU A 275 5.20 27.30 -0.64
N PRO A 276 5.57 28.31 0.16
CA PRO A 276 6.94 28.32 0.72
C PRO A 276 7.23 27.12 1.58
N ILE A 277 6.23 26.60 2.29
CA ILE A 277 6.43 25.40 3.10
C ILE A 277 6.69 24.19 2.20
N LEU A 278 5.88 24.03 1.15
CA LEU A 278 6.06 22.90 0.24
C LEU A 278 7.41 22.96 -0.46
N LEU A 279 7.84 24.17 -0.87
CA LEU A 279 9.13 24.33 -1.54
C LEU A 279 10.29 24.09 -0.58
N ALA A 280 10.17 24.55 0.65
CA ALA A 280 11.22 24.28 1.63
C ALA A 280 11.35 22.78 1.87
N ALA A 281 10.23 22.10 2.10
CA ALA A 281 10.28 20.66 2.32
C ALA A 281 10.80 19.90 1.09
N SER A 282 10.45 20.36 -0.11
CA SER A 282 10.88 19.66 -1.31
C SER A 282 12.39 19.83 -1.54
N ARG A 283 12.94 20.99 -1.24
CA ARG A 283 14.38 21.15 -1.41
C ARG A 283 15.13 20.41 -0.32
N ASP A 284 14.61 20.43 0.91
CA ASP A 284 15.20 19.61 1.96
C ASP A 284 15.24 18.14 1.54
N LEU A 285 14.13 17.63 1.01
CA LEU A 285 14.09 16.23 0.60
C LEU A 285 15.08 15.95 -0.52
N CYS A 286 15.14 16.83 -1.51
CA CYS A 286 16.12 16.65 -2.59
C CYS A 286 17.53 16.59 -2.04
N HIS A 287 17.91 17.57 -1.22
N HIS A 287 17.91 17.57 -1.21
CA HIS A 287 19.26 17.63 -0.67
CA HIS A 287 19.27 17.62 -0.70
C HIS A 287 19.57 16.40 0.18
C HIS A 287 19.57 16.52 0.31
N GLN A 288 18.55 15.85 0.84
CA GLN A 288 18.77 14.73 1.75
C GLN A 288 19.07 13.44 0.99
N LEU A 289 18.30 13.16 -0.07
CA LEU A 289 18.59 11.97 -0.88
C LEU A 289 19.82 12.14 -1.77
N PHE A 290 20.05 13.34 -2.32
CA PHE A 290 21.04 13.49 -3.38
C PHE A 290 22.02 14.62 -3.08
N GLY A 291 22.37 14.82 -1.81
CA GLY A 291 23.38 15.81 -1.46
C GLY A 291 22.88 17.25 -1.44
N ASP B 41 1.45 -30.83 -9.86
CA ASP B 41 0.30 -30.01 -10.19
C ASP B 41 0.39 -29.44 -11.59
N PRO B 42 -0.47 -29.90 -12.49
CA PRO B 42 -0.42 -29.44 -13.88
C PRO B 42 -0.98 -28.04 -14.09
N ASP B 43 -1.85 -27.57 -13.19
CA ASP B 43 -2.42 -26.25 -13.31
C ASP B 43 -1.60 -25.19 -12.57
N PHE B 44 -0.39 -25.54 -12.13
CA PHE B 44 0.47 -24.62 -11.39
C PHE B 44 1.39 -23.90 -12.38
N MET B 45 1.25 -22.59 -12.48
CA MET B 45 2.07 -21.78 -13.38
C MET B 45 3.36 -21.38 -12.66
N THR B 46 4.45 -22.04 -13.02
CA THR B 46 5.71 -21.85 -12.33
C THR B 46 6.25 -20.44 -12.53
N SER B 47 6.24 -19.94 -13.76
CA SER B 47 6.77 -18.62 -14.05
C SER B 47 5.98 -17.52 -13.35
N LEU B 48 4.70 -17.76 -13.08
CA LEU B 48 3.92 -16.80 -12.30
C LEU B 48 4.34 -16.81 -10.84
N ALA B 49 4.62 -17.99 -10.29
CA ALA B 49 5.12 -18.06 -8.93
C ALA B 49 6.49 -17.39 -8.82
N ARG B 50 7.37 -17.66 -9.79
CA ARG B 50 8.71 -17.10 -9.74
C ARG B 50 8.67 -15.59 -9.89
N GLY B 51 7.83 -15.09 -10.80
CA GLY B 51 7.71 -13.64 -10.94
C GLY B 51 7.25 -12.96 -9.66
N LEU B 52 6.25 -13.53 -9.00
CA LEU B 52 5.80 -12.94 -7.75
C LEU B 52 6.89 -13.03 -6.69
N ALA B 53 7.57 -14.17 -6.61
CA ALA B 53 8.68 -14.32 -5.67
C ALA B 53 9.82 -13.37 -5.99
N VAL B 54 10.08 -13.13 -7.28
CA VAL B 54 11.07 -12.12 -7.67
C VAL B 54 10.70 -10.77 -7.07
N ILE B 55 9.43 -10.37 -7.19
CA ILE B 55 8.99 -9.13 -6.56
C ILE B 55 9.28 -9.15 -5.07
N GLN B 56 8.90 -10.23 -4.38
CA GLN B 56 9.10 -10.30 -2.94
C GLN B 56 10.56 -10.23 -2.55
N ALA B 57 11.47 -10.55 -3.46
CA ALA B 57 12.89 -10.52 -3.14
C ALA B 57 13.38 -9.10 -2.83
N PHE B 58 12.62 -8.07 -3.19
CA PHE B 58 13.03 -6.70 -2.97
C PHE B 58 12.68 -6.17 -1.58
N GLN B 59 12.03 -6.97 -0.73
CA GLN B 59 11.66 -6.51 0.61
C GLN B 59 12.90 -6.07 1.39
N GLU B 60 12.85 -4.84 1.92
CA GLU B 60 13.89 -4.29 2.79
C GLU B 60 15.26 -4.22 2.12
N ARG B 61 15.29 -4.07 0.79
CA ARG B 61 16.53 -3.93 0.02
C ARG B 61 16.48 -2.58 -0.70
N LYS B 62 16.87 -1.53 0.00
CA LYS B 62 16.86 -0.18 -0.55
C LYS B 62 17.97 0.06 -1.60
N ARG B 63 18.57 -1.04 -2.06
CA ARG B 63 19.68 -1.03 -3.01
C ARG B 63 19.29 -1.87 -4.22
N HIS B 64 19.67 -1.43 -5.41
CA HIS B 64 19.33 -2.15 -6.61
C HIS B 64 19.92 -3.57 -6.54
N LEU B 65 19.22 -4.54 -7.10
CA LEU B 65 19.59 -5.93 -6.96
C LEU B 65 20.14 -6.49 -8.27
N THR B 66 21.00 -7.50 -8.16
CA THR B 66 21.48 -8.27 -9.30
C THR B 66 20.67 -9.55 -9.45
N ILE B 67 20.76 -10.14 -10.65
CA ILE B 67 20.27 -11.50 -10.87
C ILE B 67 20.79 -12.42 -9.78
N ALA B 68 22.08 -12.29 -9.46
CA ALA B 68 22.70 -13.20 -8.51
C ALA B 68 22.09 -13.07 -7.12
N GLN B 69 21.89 -11.84 -6.65
CA GLN B 69 21.32 -11.67 -5.31
C GLN B 69 19.89 -12.22 -5.25
N ILE B 70 19.07 -11.90 -6.26
CA ILE B 70 17.69 -12.37 -6.27
C ILE B 70 17.63 -13.88 -6.35
N SER B 71 18.50 -14.49 -7.16
CA SER B 71 18.56 -15.94 -7.23
C SER B 71 18.95 -16.54 -5.89
N HIS B 72 19.97 -15.96 -5.24
CA HIS B 72 20.42 -16.48 -3.96
C HIS B 72 19.33 -16.39 -2.90
N ARG B 73 18.57 -15.29 -2.89
CA ARG B 73 17.59 -15.09 -1.83
C ARG B 73 16.36 -15.99 -2.02
N THR B 74 15.97 -16.22 -3.26
CA THR B 74 14.75 -16.96 -3.59
C THR B 74 14.98 -18.40 -4.03
N GLU B 75 16.22 -18.81 -4.29
CA GLU B 75 16.59 -20.13 -4.82
C GLU B 75 16.09 -20.36 -6.25
N ILE B 76 15.55 -19.33 -6.91
CA ILE B 76 15.08 -19.44 -8.30
C ILE B 76 16.30 -19.44 -9.23
N PRO B 77 16.38 -20.35 -10.20
CA PRO B 77 17.54 -20.36 -11.09
C PRO B 77 17.70 -19.04 -11.82
N ARG B 78 18.96 -18.69 -12.09
CA ARG B 78 19.30 -17.39 -12.64
C ARG B 78 18.59 -17.12 -13.96
N ALA B 79 18.53 -18.11 -14.85
CA ALA B 79 17.90 -17.89 -16.14
C ALA B 79 16.42 -17.56 -15.98
N ALA B 80 15.73 -18.23 -15.05
CA ALA B 80 14.33 -17.93 -14.84
C ALA B 80 14.13 -16.56 -14.22
N VAL B 81 15.03 -16.18 -13.29
CA VAL B 81 14.97 -14.83 -12.71
C VAL B 81 15.12 -13.79 -13.81
N ARG B 82 16.12 -13.97 -14.69
CA ARG B 82 16.31 -13.08 -15.83
C ARG B 82 15.02 -12.90 -16.62
N ARG B 83 14.36 -14.00 -16.97
CA ARG B 83 13.14 -13.89 -17.77
C ARG B 83 12.01 -13.24 -17.00
N CYS B 84 11.90 -13.55 -15.70
CA CYS B 84 10.88 -12.90 -14.86
C CYS B 84 11.08 -11.40 -14.82
N LEU B 85 12.31 -10.96 -14.53
CA LEU B 85 12.58 -9.53 -14.51
C LEU B 85 12.29 -8.88 -15.86
N HIS B 86 12.72 -9.53 -16.95
CA HIS B 86 12.45 -9.01 -18.28
C HIS B 86 10.95 -8.80 -18.48
N THR B 87 10.14 -9.76 -18.07
CA THR B 87 8.69 -9.63 -18.19
C THR B 87 8.17 -8.48 -17.33
N LEU B 88 8.69 -8.36 -16.11
CA LEU B 88 8.26 -7.27 -15.23
C LEU B 88 8.64 -5.91 -15.82
N ILE B 89 9.83 -5.81 -16.42
CA ILE B 89 10.23 -4.56 -17.05
C ILE B 89 9.28 -4.23 -18.21
N LYS B 90 9.04 -5.19 -19.08
CA LYS B 90 8.17 -4.94 -20.23
C LYS B 90 6.76 -4.52 -19.81
N LEU B 91 6.30 -5.02 -18.65
CA LEU B 91 4.98 -4.67 -18.14
C LEU B 91 5.01 -3.42 -17.28
N GLY B 92 6.19 -2.82 -17.06
CA GLY B 92 6.30 -1.60 -16.29
C GLY B 92 6.36 -1.78 -14.78
N TYR B 93 6.51 -3.02 -14.29
CA TYR B 93 6.62 -3.25 -12.85
C TYR B 93 8.05 -3.13 -12.33
N ALA B 94 9.05 -3.07 -13.20
CA ALA B 94 10.43 -3.04 -12.77
C ALA B 94 11.26 -2.34 -13.83
N THR B 95 12.48 -1.97 -13.45
CA THR B 95 13.38 -1.24 -14.33
C THR B 95 14.82 -1.66 -14.06
N THR B 96 15.70 -1.34 -15.00
CA THR B 96 17.09 -1.79 -14.96
C THR B 96 17.98 -0.81 -15.71
N ASP B 97 19.28 -0.87 -15.40
CA ASP B 97 20.30 -0.13 -16.15
C ASP B 97 21.29 -1.08 -16.83
N GLY B 98 20.88 -2.32 -17.06
CA GLY B 98 21.76 -3.31 -17.66
C GLY B 98 22.43 -4.22 -16.65
N ARG B 99 22.82 -3.66 -15.51
CA ARG B 99 23.47 -4.44 -14.46
C ARG B 99 22.56 -4.78 -13.29
N THR B 100 21.83 -3.81 -12.77
CA THR B 100 21.02 -3.98 -11.56
C THR B 100 19.56 -3.72 -11.88
N TYR B 101 18.70 -4.03 -10.91
CA TYR B 101 17.26 -3.98 -11.09
C TYR B 101 16.61 -3.33 -9.88
N SER B 102 15.45 -2.73 -10.10
CA SER B 102 14.66 -2.16 -9.02
C SER B 102 13.20 -2.14 -9.46
N LEU B 103 12.31 -2.00 -8.49
CA LEU B 103 10.89 -2.02 -8.77
C LEU B 103 10.40 -0.61 -9.07
N LEU B 104 9.33 -0.53 -9.87
CA LEU B 104 8.67 0.70 -10.25
C LEU B 104 7.40 0.88 -9.44
N PRO B 105 6.90 2.12 -9.30
CA PRO B 105 5.74 2.35 -8.43
C PRO B 105 4.51 1.55 -8.82
N LYS B 106 4.39 1.14 -10.07
CA LYS B 106 3.21 0.40 -10.50
C LYS B 106 2.99 -0.85 -9.64
N VAL B 107 4.05 -1.39 -9.02
CA VAL B 107 3.87 -2.50 -8.07
C VAL B 107 2.86 -2.14 -6.99
N LEU B 108 2.83 -0.86 -6.59
CA LEU B 108 1.88 -0.43 -5.55
C LEU B 108 0.44 -0.71 -5.94
N THR B 109 0.12 -0.67 -7.24
CA THR B 109 -1.27 -0.87 -7.65
C THR B 109 -1.72 -2.30 -7.42
N LEU B 110 -0.78 -3.26 -7.35
CA LEU B 110 -1.17 -4.63 -7.03
C LEU B 110 -1.83 -4.71 -5.66
N GLY B 111 -1.23 -4.08 -4.66
CA GLY B 111 -1.86 -4.02 -3.36
C GLY B 111 -3.18 -3.28 -3.38
N HIS B 112 -3.26 -2.22 -4.19
CA HIS B 112 -4.52 -1.49 -4.31
C HIS B 112 -5.64 -2.39 -4.83
N ALA B 113 -5.30 -3.40 -5.61
CA ALA B 113 -6.32 -4.34 -6.10
C ALA B 113 -6.90 -5.15 -4.96
N TYR B 114 -6.08 -5.51 -3.97
CA TYR B 114 -6.61 -6.17 -2.80
C TYR B 114 -7.48 -5.23 -1.98
N LEU B 115 -7.00 -4.00 -1.75
CA LEU B 115 -7.72 -3.10 -0.83
C LEU B 115 -9.06 -2.64 -1.41
N SER B 116 -9.16 -2.50 -2.72
CA SER B 116 -10.39 -1.97 -3.30
C SER B 116 -11.36 -3.06 -3.75
N SER B 117 -11.10 -4.32 -3.38
CA SER B 117 -11.99 -5.41 -3.73
C SER B 117 -12.29 -6.33 -2.55
N THR B 118 -12.06 -5.88 -1.32
CA THR B 118 -12.26 -6.71 -0.14
C THR B 118 -13.11 -5.99 0.89
N PRO B 119 -14.35 -6.43 1.12
CA PRO B 119 -15.21 -5.72 2.08
C PRO B 119 -14.58 -5.56 3.46
N LEU B 120 -13.88 -6.60 3.94
CA LEU B 120 -13.25 -6.52 5.25
C LEU B 120 -12.39 -5.27 5.36
N ALA B 121 -11.58 -4.99 4.33
CA ALA B 121 -10.68 -3.84 4.37
C ALA B 121 -11.41 -2.53 4.09
N ILE B 122 -12.44 -2.54 3.25
CA ILE B 122 -13.17 -1.32 2.96
C ILE B 122 -14.00 -0.91 4.19
N SER B 123 -14.72 -1.85 4.81
CA SER B 123 -15.60 -1.48 5.91
C SER B 123 -14.85 -1.16 7.20
N ALA B 124 -13.61 -1.62 7.37
CA ALA B 124 -12.94 -1.39 8.64
C ALA B 124 -12.37 0.02 8.77
N GLN B 125 -12.07 0.68 7.66
CA GLN B 125 -11.50 2.03 7.73
C GLN B 125 -12.35 3.00 8.55
N PRO B 126 -13.66 3.13 8.32
CA PRO B 126 -14.45 4.06 9.15
C PRO B 126 -14.35 3.75 10.64
N TYR B 127 -14.36 2.47 11.01
CA TYR B 127 -14.22 2.10 12.42
C TYR B 127 -12.86 2.52 12.95
N LEU B 128 -11.79 2.21 12.21
CA LEU B 128 -10.45 2.59 12.65
C LEU B 128 -10.33 4.10 12.80
N ASP B 129 -10.96 4.85 11.90
CA ASP B 129 -10.81 6.31 11.92
C ASP B 129 -11.58 6.92 13.09
N ARG B 130 -12.80 6.44 13.34
CA ARG B 130 -13.54 6.99 14.45
C ARG B 130 -12.94 6.58 15.79
N ILE B 131 -12.31 5.41 15.85
CA ILE B 131 -11.61 5.02 17.07
C ILE B 131 -10.46 5.99 17.34
N SER B 132 -9.59 6.15 16.35
CA SER B 132 -8.47 7.08 16.51
C SER B 132 -8.96 8.49 16.78
N ASP B 133 -10.10 8.87 16.22
CA ASP B 133 -10.64 10.20 16.48
C ASP B 133 -11.22 10.32 17.88
N GLN B 134 -11.62 9.21 18.51
CA GLN B 134 -12.17 9.25 19.86
C GLN B 134 -11.08 9.19 20.92
N LEU B 135 -10.09 8.31 20.76
CA LEU B 135 -9.05 8.12 21.76
C LEU B 135 -7.76 8.88 21.46
N HIS B 136 -7.63 9.47 20.27
CA HIS B 136 -6.43 10.23 19.89
C HIS B 136 -5.18 9.36 19.90
N GLU B 137 -5.35 8.07 19.61
CA GLU B 137 -4.25 7.14 19.45
C GLU B 137 -4.45 6.38 18.15
N ALA B 138 -3.39 5.74 17.67
CA ALA B 138 -3.45 5.02 16.41
C ALA B 138 -4.28 3.74 16.56
N ALA B 139 -5.05 3.41 15.52
CA ALA B 139 -5.81 2.17 15.47
C ALA B 139 -5.50 1.42 14.18
N ASN B 140 -5.46 0.09 14.26
CA ASN B 140 -5.00 -0.73 13.15
C ASN B 140 -5.83 -2.00 13.04
N MET B 141 -5.74 -2.64 11.87
CA MET B 141 -6.29 -3.97 11.66
C MET B 141 -5.27 -4.83 10.93
N ALA B 142 -5.10 -6.06 11.40
CA ALA B 142 -4.10 -6.96 10.86
C ALA B 142 -4.68 -8.36 10.74
N THR B 143 -4.06 -9.15 9.86
CA THR B 143 -4.31 -10.57 9.74
C THR B 143 -3.01 -11.32 9.96
N LEU B 144 -3.13 -12.64 10.01
CA LEU B 144 -1.99 -13.53 10.16
C LEU B 144 -1.46 -13.92 8.79
N GLU B 145 -0.18 -13.64 8.54
CA GLU B 145 0.49 -14.02 7.30
C GLU B 145 1.75 -14.80 7.68
N GLY B 146 1.71 -16.11 7.48
CA GLY B 146 2.82 -16.95 7.92
C GLY B 146 3.03 -16.82 9.41
N ASP B 147 4.26 -16.51 9.82
CA ASP B 147 4.61 -16.29 11.22
C ASP B 147 4.41 -14.84 11.65
N ASP B 148 4.00 -13.96 10.75
CA ASP B 148 3.92 -12.55 11.05
C ASP B 148 2.47 -12.08 11.01
N ILE B 149 2.23 -10.93 11.58
CA ILE B 149 0.97 -10.24 11.33
C ILE B 149 1.20 -9.28 10.19
N LEU B 150 0.13 -8.95 9.47
CA LEU B 150 0.17 -8.14 8.26
C LEU B 150 -0.82 -7.00 8.45
N TYR B 151 -0.33 -5.76 8.39
CA TYR B 151 -1.20 -4.61 8.58
C TYR B 151 -1.93 -4.31 7.28
N ILE B 152 -3.26 -4.44 7.28
CA ILE B 152 -4.05 -4.22 6.08
C ILE B 152 -4.87 -2.94 6.14
N ALA B 153 -5.10 -2.37 7.32
CA ALA B 153 -5.72 -1.05 7.40
C ALA B 153 -5.23 -0.31 8.63
N ARG B 154 -5.05 0.99 8.46
CA ARG B 154 -4.58 1.90 9.51
C ARG B 154 -5.55 3.07 9.58
N SER B 155 -5.62 3.69 10.76
CA SER B 155 -6.30 4.97 10.85
C SER B 155 -5.34 6.09 10.48
N ALA B 156 -5.87 7.32 10.41
CA ALA B 156 -5.05 8.46 10.00
C ALA B 156 -4.02 8.90 11.04
N THR B 157 -4.09 8.40 12.28
CA THR B 157 -3.18 8.87 13.31
C THR B 157 -1.75 8.41 13.03
N VAL B 158 -0.80 9.33 13.26
CA VAL B 158 0.61 9.03 13.05
C VAL B 158 1.17 8.31 14.27
N GLU B 159 1.72 7.12 14.06
CA GLU B 159 2.38 6.35 15.11
C GLU B 159 3.69 5.85 14.52
N ARG B 160 4.80 6.49 14.91
CA ARG B 160 6.11 6.21 14.33
C ARG B 160 6.83 5.16 15.16
N LEU B 161 6.62 3.91 14.81
CA LEU B 161 7.36 2.81 15.41
C LEU B 161 8.83 2.94 15.02
N ILE B 162 9.69 3.21 16.00
CA ILE B 162 11.11 3.46 15.71
C ILE B 162 11.81 2.18 15.28
N SER B 163 11.40 1.04 15.85
CA SER B 163 12.05 -0.23 15.51
C SER B 163 11.82 -0.59 14.05
N VAL B 164 10.60 -0.43 13.56
CA VAL B 164 10.27 -0.66 12.15
C VAL B 164 9.22 0.36 11.73
N ASP B 165 9.51 1.14 10.70
CA ASP B 165 8.49 2.03 10.17
C ASP B 165 7.34 1.22 9.58
N LEU B 166 6.14 1.50 10.04
CA LEU B 166 5.01 0.64 9.73
C LEU B 166 4.13 1.30 8.69
N SER B 167 3.89 0.60 7.59
CA SER B 167 2.93 1.02 6.59
C SER B 167 1.92 -0.10 6.38
N VAL B 168 0.89 0.20 5.59
CA VAL B 168 -0.02 -0.83 5.11
C VAL B 168 0.75 -1.77 4.20
N GLY B 169 0.68 -3.07 4.49
CA GLY B 169 1.45 -4.07 3.78
C GLY B 169 2.68 -4.53 4.54
N GLY B 170 2.98 -3.90 5.67
CA GLY B 170 4.13 -4.28 6.45
C GLY B 170 3.78 -5.31 7.52
N ARG B 171 4.81 -6.00 7.99
CA ARG B 171 4.62 -7.13 8.87
C ARG B 171 5.39 -6.93 10.16
N LEU B 172 4.90 -7.58 11.21
CA LEU B 172 5.52 -7.60 12.53
C LEU B 172 5.42 -9.03 13.04
N PRO B 173 6.35 -9.44 13.91
CA PRO B 173 6.24 -10.77 14.52
C PRO B 173 4.95 -10.89 15.32
N ALA B 174 4.40 -12.10 15.31
CA ALA B 174 3.16 -12.37 16.03
C ALA B 174 3.39 -12.59 17.52
N TYR B 175 4.51 -13.18 17.91
CA TYR B 175 4.66 -13.60 19.30
C TYR B 175 4.77 -12.44 20.26
N CYS B 176 5.12 -11.24 19.77
CA CYS B 176 5.38 -10.13 20.67
C CYS B 176 4.57 -8.89 20.33
N THR B 177 3.52 -9.03 19.53
CA THR B 177 2.59 -7.93 19.28
C THR B 177 1.22 -8.31 19.81
N SER B 178 0.44 -7.30 20.20
CA SER B 178 -0.89 -7.53 20.73
C SER B 178 -1.76 -8.27 19.73
N MET B 179 -1.75 -7.81 18.48
CA MET B 179 -2.58 -8.43 17.47
C MET B 179 -2.07 -9.83 17.13
N GLY B 180 -0.75 -10.04 17.19
CA GLY B 180 -0.21 -11.36 16.96
C GLY B 180 -0.65 -12.35 18.02
N ARG B 181 -0.70 -11.92 19.27
CA ARG B 181 -1.13 -12.86 20.30
C ARG B 181 -2.61 -13.20 20.13
N ILE B 182 -3.40 -12.28 19.58
CA ILE B 182 -4.79 -12.59 19.26
C ILE B 182 -4.86 -13.67 18.19
N LEU B 183 -4.15 -13.48 17.07
CA LEU B 183 -4.23 -14.42 15.96
C LEU B 183 -3.55 -15.76 16.27
N LEU B 184 -2.52 -15.74 17.13
CA LEU B 184 -1.99 -17.00 17.65
C LEU B 184 -3.00 -17.68 18.56
N ALA B 185 -3.76 -16.91 19.34
CA ALA B 185 -4.76 -17.51 20.21
C ALA B 185 -5.82 -18.24 19.41
N ALA B 186 -6.01 -17.86 18.15
CA ALA B 186 -6.99 -18.53 17.32
C ALA B 186 -6.50 -19.87 16.79
N MET B 187 -5.20 -20.14 16.88
CA MET B 187 -4.69 -21.44 16.44
C MET B 187 -5.12 -22.53 17.42
N ASP B 188 -5.37 -23.72 16.88
CA ASP B 188 -5.47 -24.87 17.75
C ASP B 188 -4.14 -25.11 18.47
N ASP B 189 -4.19 -25.88 19.55
CA ASP B 189 -2.98 -26.05 20.37
C ASP B 189 -1.85 -26.69 19.58
N THR B 190 -2.16 -27.58 18.63
CA THR B 190 -1.12 -28.24 17.84
C THR B 190 -0.38 -27.25 16.93
N SER B 191 -1.12 -26.48 16.13
CA SER B 191 -0.48 -25.48 15.27
C SER B 191 0.28 -24.45 16.07
N LEU B 192 -0.21 -24.12 17.27
CA LEU B 192 0.47 -23.14 18.10
C LEU B 192 1.82 -23.66 18.56
N ARG B 193 1.87 -24.92 19.02
CA ARG B 193 3.11 -25.52 19.49
C ARG B 193 4.11 -25.68 18.35
N GLU B 194 3.64 -25.99 17.15
CA GLU B 194 4.54 -26.05 16.00
C GLU B 194 5.14 -24.69 15.72
N TYR B 195 4.33 -23.64 15.85
CA TYR B 195 4.86 -22.28 15.69
C TYR B 195 5.93 -22.00 16.72
N LEU B 196 5.64 -22.30 17.99
CA LEU B 196 6.55 -21.96 19.09
C LEU B 196 7.85 -22.75 19.04
N GLU B 197 7.86 -23.94 18.42
CA GLU B 197 9.08 -24.75 18.38
C GLU B 197 10.01 -24.36 17.24
N ARG B 198 9.59 -23.46 16.35
CA ARG B 198 10.39 -23.04 15.22
C ARG B 198 10.56 -21.54 15.10
N ALA B 199 9.71 -20.73 15.73
CA ALA B 199 9.73 -19.29 15.50
C ALA B 199 10.98 -18.65 16.09
N ASP B 200 11.32 -17.48 15.59
CA ASP B 200 12.44 -16.69 16.09
C ASP B 200 11.95 -15.81 17.24
N LEU B 201 12.24 -16.21 18.47
CA LEU B 201 11.74 -15.51 19.65
C LEU B 201 12.82 -14.55 20.17
N LYS B 202 13.15 -13.57 19.35
CA LYS B 202 14.13 -12.57 19.77
C LYS B 202 13.56 -11.74 20.90
N ALA B 203 14.33 -11.59 21.97
CA ALA B 203 14.00 -10.65 23.04
C ALA B 203 14.11 -9.22 22.54
N ARG B 204 13.01 -8.65 22.04
CA ARG B 204 13.07 -7.27 21.55
C ARG B 204 13.49 -6.31 22.67
N THR B 205 12.81 -6.37 23.82
CA THR B 205 13.17 -5.56 24.96
C THR B 205 13.40 -6.48 26.16
N SER B 206 13.68 -5.84 27.30
CA SER B 206 13.81 -6.56 28.57
C SER B 206 12.53 -7.25 29.00
N ARG B 207 11.37 -6.79 28.51
CA ARG B 207 10.07 -7.35 28.89
C ARG B 207 9.57 -8.42 27.95
N THR B 208 10.20 -8.58 26.79
CA THR B 208 9.66 -9.49 25.80
C THR B 208 9.65 -10.93 26.32
N LEU B 209 8.51 -11.58 26.19
CA LEU B 209 8.45 -13.02 26.39
C LEU B 209 9.07 -13.71 25.18
N ASN B 210 10.14 -14.47 25.41
CA ASN B 210 10.93 -15.03 24.32
C ASN B 210 11.25 -16.50 24.54
N ASP B 211 10.41 -17.22 25.28
CA ASP B 211 10.57 -18.65 25.47
C ASP B 211 9.22 -19.32 25.31
N PRO B 212 9.17 -20.51 24.71
CA PRO B 212 7.87 -21.06 24.30
C PRO B 212 6.91 -21.26 25.44
N GLU B 213 7.41 -21.63 26.62
CA GLU B 213 6.54 -21.89 27.75
C GLU B 213 5.79 -20.64 28.18
N SER B 214 6.49 -19.50 28.30
CA SER B 214 5.81 -18.26 28.69
C SER B 214 4.81 -17.82 27.63
N LEU B 215 5.20 -17.87 26.37
CA LEU B 215 4.26 -17.50 25.31
C LEU B 215 3.04 -18.40 25.32
N PHE B 216 3.25 -19.70 25.51
CA PHE B 216 2.12 -20.62 25.53
C PHE B 216 1.12 -20.23 26.62
N ALA B 217 1.59 -20.10 27.86
CA ALA B 217 0.70 -19.67 28.94
C ALA B 217 0.11 -18.30 28.67
N CYS B 218 0.88 -17.41 28.05
CA CYS B 218 0.35 -16.09 27.74
C CYS B 218 -0.76 -16.18 26.71
N ILE B 219 -0.58 -17.00 25.67
CA ILE B 219 -1.62 -17.14 24.65
C ILE B 219 -2.88 -17.73 25.27
N GLN B 220 -2.73 -18.74 26.11
CA GLN B 220 -3.91 -19.38 26.71
C GLN B 220 -4.73 -18.39 27.53
N GLN B 221 -4.08 -17.44 28.21
CA GLN B 221 -4.83 -16.41 28.89
C GLN B 221 -5.47 -15.43 27.91
N VAL B 222 -4.84 -15.20 26.74
CA VAL B 222 -5.49 -14.35 25.75
C VAL B 222 -6.79 -15.01 25.26
N ARG B 223 -6.76 -16.33 25.07
CA ARG B 223 -7.96 -17.06 24.67
C ARG B 223 -9.13 -16.76 25.61
N ALA B 224 -8.92 -16.99 26.91
CA ALA B 224 -10.01 -16.84 27.87
C ALA B 224 -10.40 -15.38 28.06
N GLN B 225 -9.44 -14.47 27.93
CA GLN B 225 -9.71 -13.04 28.11
C GLN B 225 -10.57 -12.49 26.98
N GLY B 226 -10.27 -12.86 25.73
CA GLY B 226 -10.90 -12.24 24.59
C GLY B 226 -10.22 -10.96 24.12
N TRP B 227 -9.08 -10.62 24.70
CA TRP B 227 -8.32 -9.42 24.38
C TRP B 227 -6.88 -9.64 24.81
N CYS B 228 -6.00 -8.75 24.37
CA CYS B 228 -4.60 -8.88 24.70
C CYS B 228 -3.95 -7.51 24.82
N VAL B 229 -3.21 -7.30 25.90
CA VAL B 229 -2.37 -6.13 26.07
C VAL B 229 -0.92 -6.58 25.95
N VAL B 230 -0.14 -5.87 25.15
CA VAL B 230 1.31 -6.06 25.11
C VAL B 230 1.94 -4.78 25.62
N ASP B 231 2.67 -4.89 26.72
CA ASP B 231 3.32 -3.73 27.36
C ASP B 231 4.80 -3.76 27.03
N GLN B 232 5.17 -3.03 25.98
CA GLN B 232 6.56 -2.70 25.66
C GLN B 232 7.42 -3.93 25.40
N GLU B 233 6.81 -4.98 24.83
CA GLU B 233 7.55 -6.18 24.45
C GLU B 233 8.09 -6.14 23.03
N LEU B 234 7.55 -5.24 22.19
CA LEU B 234 8.07 -5.03 20.85
C LEU B 234 9.11 -3.91 20.81
N GLU B 235 8.79 -2.78 21.42
CA GLU B 235 9.75 -1.70 21.53
C GLU B 235 9.45 -0.87 22.79
N GLN B 236 10.45 -0.14 23.24
CA GLN B 236 10.33 0.64 24.46
C GLN B 236 9.34 1.78 24.24
N GLY B 237 8.46 1.98 25.22
CA GLY B 237 7.48 3.05 25.15
C GLY B 237 6.20 2.73 24.40
N LEU B 238 6.13 1.59 23.72
CA LEU B 238 4.96 1.23 22.93
C LEU B 238 4.11 0.21 23.68
N ARG B 239 2.80 0.47 23.74
CA ARG B 239 1.89 -0.44 24.41
C ARG B 239 0.55 -0.42 23.70
N SER B 240 -0.02 -1.60 23.49
CA SER B 240 -1.20 -1.75 22.64
C SER B 240 -2.13 -2.79 23.22
N ILE B 241 -3.41 -2.63 22.93
CA ILE B 241 -4.44 -3.58 23.28
C ILE B 241 -5.14 -4.01 21.99
N ALA B 242 -5.47 -5.30 21.90
CA ALA B 242 -6.05 -5.82 20.66
C ALA B 242 -7.23 -6.75 20.97
N VAL B 243 -8.20 -6.77 20.07
CA VAL B 243 -9.32 -7.72 20.16
C VAL B 243 -9.47 -8.43 18.82
N PRO B 244 -10.12 -9.60 18.83
CA PRO B 244 -10.33 -10.34 17.59
C PRO B 244 -11.54 -9.84 16.82
N VAL B 245 -11.48 -10.05 15.52
CA VAL B 245 -12.62 -9.87 14.61
C VAL B 245 -13.06 -11.24 14.12
N TYR B 246 -14.36 -11.51 14.24
CA TYR B 246 -14.93 -12.79 13.86
C TYR B 246 -15.76 -12.68 12.58
N ASP B 247 -16.01 -13.83 11.97
CA ASP B 247 -17.02 -13.94 10.93
C ASP B 247 -18.32 -14.47 11.55
N ALA B 248 -19.30 -14.81 10.70
CA ALA B 248 -20.54 -15.37 11.23
C ALA B 248 -20.32 -16.75 11.82
N SER B 249 -19.31 -17.47 11.32
CA SER B 249 -18.96 -18.82 11.79
C SER B 249 -18.22 -18.81 13.12
N GLY B 250 -17.90 -17.63 13.66
CA GLY B 250 -17.14 -17.56 14.88
C GLY B 250 -15.64 -17.75 14.73
N GLN B 251 -15.12 -17.72 13.50
CA GLN B 251 -13.69 -17.85 13.27
C GLN B 251 -13.04 -16.48 13.29
N VAL B 252 -11.83 -16.43 13.84
CA VAL B 252 -11.07 -15.19 13.90
C VAL B 252 -10.54 -14.87 12.51
N LEU B 253 -10.98 -13.74 11.97
CA LEU B 253 -10.54 -13.26 10.66
C LEU B 253 -9.35 -12.34 10.77
N ALA B 254 -9.29 -11.57 11.85
CA ALA B 254 -8.35 -10.47 11.94
C ALA B 254 -8.37 -9.96 13.37
N ALA B 255 -7.56 -8.93 13.63
CA ALA B 255 -7.52 -8.30 14.94
C ALA B 255 -7.53 -6.79 14.73
N LEU B 256 -8.19 -6.09 15.64
CA LEU B 256 -8.13 -4.63 15.76
C LEU B 256 -7.30 -4.29 16.99
N ASN B 257 -6.60 -3.15 16.93
CA ASN B 257 -5.84 -2.75 18.10
C ASN B 257 -5.82 -1.24 18.21
N VAL B 258 -5.36 -0.75 19.35
CA VAL B 258 -5.04 0.66 19.55
C VAL B 258 -3.59 0.75 19.98
N SER B 259 -2.79 1.47 19.23
CA SER B 259 -1.36 1.57 19.47
C SER B 259 -1.09 2.88 20.19
N THR B 260 -0.59 2.78 21.42
CA THR B 260 -0.43 3.96 22.25
C THR B 260 1.01 4.10 22.71
N HIS B 261 1.36 5.34 23.05
CA HIS B 261 2.61 5.63 23.72
C HIS B 261 2.38 5.57 25.23
N VAL B 262 3.36 5.02 25.95
CA VAL B 262 3.18 4.78 27.37
C VAL B 262 3.10 6.09 28.16
N GLY B 263 3.53 7.20 27.59
CA GLY B 263 3.42 8.49 28.22
C GLY B 263 2.12 9.23 27.95
N ARG B 264 1.13 8.54 27.40
CA ARG B 264 -0.16 9.14 27.10
C ARG B 264 -1.34 8.38 27.68
N VAL B 265 -1.14 7.15 28.17
CA VAL B 265 -2.23 6.31 28.61
C VAL B 265 -1.73 5.26 29.61
N THR B 266 -2.41 5.17 30.75
CA THR B 266 -2.07 4.20 31.79
C THR B 266 -2.66 2.85 31.45
N ARG B 267 -2.11 1.80 32.07
CA ARG B 267 -2.56 0.45 31.76
C ARG B 267 -4.04 0.29 32.11
N SER B 268 -4.49 0.96 33.18
CA SER B 268 -5.90 0.91 33.53
C SER B 268 -6.75 1.47 32.39
N GLU B 269 -6.33 2.59 31.81
CA GLU B 269 -7.11 3.20 30.72
C GLU B 269 -7.13 2.33 29.47
N LEU B 270 -6.04 1.61 29.15
CA LEU B 270 -6.10 0.68 28.02
C LEU B 270 -7.25 -0.31 28.16
N GLU B 271 -7.55 -0.74 29.38
CA GLU B 271 -8.54 -1.77 29.64
C GLU B 271 -9.86 -1.21 30.14
N GLN B 272 -9.85 -0.12 30.91
CA GLN B 272 -11.10 0.46 31.37
C GLN B 272 -11.80 1.23 30.27
N ARG B 273 -11.04 1.93 29.43
CA ARG B 273 -11.61 2.81 28.42
C ARG B 273 -11.37 2.33 26.99
N PHE B 274 -10.14 1.99 26.63
CA PHE B 274 -9.87 1.61 25.25
C PHE B 274 -10.48 0.26 24.90
N LEU B 275 -10.54 -0.66 25.86
CA LEU B 275 -10.95 -2.03 25.55
C LEU B 275 -12.40 -2.09 25.09
N PRO B 276 -13.39 -1.61 25.85
CA PRO B 276 -14.78 -1.77 25.41
C PRO B 276 -15.07 -1.12 24.08
N ILE B 277 -14.39 -0.02 23.77
CA ILE B 277 -14.56 0.60 22.46
C ILE B 277 -14.08 -0.35 21.36
N LEU B 278 -13.04 -1.14 21.63
CA LEU B 278 -12.54 -2.06 20.62
C LEU B 278 -13.52 -3.21 20.38
N LEU B 279 -14.12 -3.76 21.44
CA LEU B 279 -15.10 -4.82 21.26
C LEU B 279 -16.30 -4.33 20.47
N ALA B 280 -16.82 -3.16 20.83
CA ALA B 280 -18.00 -2.63 20.16
C ALA B 280 -17.73 -2.45 18.67
N ALA B 281 -16.58 -1.87 18.32
CA ALA B 281 -16.25 -1.71 16.91
C ALA B 281 -16.15 -3.07 16.22
N SER B 282 -15.52 -4.04 16.88
CA SER B 282 -15.33 -5.37 16.30
C SER B 282 -16.69 -6.04 16.04
N ARG B 283 -17.59 -6.02 17.02
CA ARG B 283 -18.89 -6.64 16.82
C ARG B 283 -19.72 -5.88 15.78
N ASP B 284 -19.59 -4.56 15.71
CA ASP B 284 -20.29 -3.80 14.68
C ASP B 284 -19.76 -4.12 13.29
N LEU B 285 -18.44 -4.17 13.15
CA LEU B 285 -17.83 -4.53 11.88
C LEU B 285 -18.23 -5.94 11.47
N CYS B 286 -18.32 -6.84 12.44
CA CYS B 286 -18.75 -8.20 12.15
C CYS B 286 -20.20 -8.22 11.66
N HIS B 287 -21.08 -7.49 12.35
CA HIS B 287 -22.48 -7.44 11.94
C HIS B 287 -22.63 -6.76 10.57
N GLN B 288 -21.89 -5.67 10.34
CA GLN B 288 -22.00 -4.98 9.07
C GLN B 288 -21.56 -5.87 7.91
N LEU B 289 -20.70 -6.85 8.16
CA LEU B 289 -20.21 -7.71 7.11
C LEU B 289 -20.97 -9.02 6.98
N PHE B 290 -21.43 -9.60 8.10
CA PHE B 290 -22.05 -10.92 8.07
C PHE B 290 -23.43 -10.97 8.70
N GLY B 291 -23.92 -9.88 9.28
CA GLY B 291 -25.26 -9.87 9.87
C GLY B 291 -25.37 -10.71 11.12
C1 SIN C . -5.34 15.75 -4.56
O1 SIN C . -5.82 16.44 -3.64
O2 SIN C . -4.30 15.08 -4.34
C2 SIN C . -5.98 15.72 -5.93
C3 SIN C . -6.32 17.15 -6.34
C4 SIN C . -5.08 17.87 -6.82
O3 SIN C . -3.98 17.70 -6.26
O4 SIN C . -5.16 18.64 -7.80
C1 EDO D . 12.52 15.04 8.64
O1 EDO D . 12.82 15.13 10.04
C2 EDO D . 11.57 16.17 8.28
O2 EDO D . 10.68 16.40 9.39
P PO4 E . -21.16 -17.01 -4.53
O1 PO4 E . -21.02 -16.12 -3.31
O2 PO4 E . -22.06 -18.18 -4.22
O3 PO4 E . -21.75 -16.20 -5.65
O4 PO4 E . -19.82 -17.54 -4.92
C1 SIN F . 1.48 -4.31 19.42
O1 SIN F . 1.69 -5.07 20.39
O2 SIN F . 0.31 -4.21 18.97
C2 SIN F . 2.64 -3.53 18.84
C3 SIN F . 2.43 -3.22 17.36
C4 SIN F . 1.36 -2.17 17.25
O3 SIN F . 1.17 -1.38 18.21
O4 SIN F . 0.63 -2.09 16.25
CL CL G . 15.35 -2.46 26.38
CL CL H . 10.01 -19.57 -15.25
CL CL I . 4.32 0.46 33.14
#